data_7PCV
#
_entry.id   7PCV
#
_cell.length_a   60.380
_cell.length_b   39.880
_cell.length_c   96.850
_cell.angle_alpha   90.000
_cell.angle_beta   96.030
_cell.angle_gamma   90.000
#
_symmetry.space_group_name_H-M   'C 1 2 1'
#
loop_
_entity.id
_entity.type
_entity.pdbx_description
1 polymer 'RNA-binding protein 5'
2 non-polymer 'ZINC ION'
3 water water
#
_entity_poly.entity_id   1
_entity_poly.type   'polypeptide(L)'
_entity_poly.pdbx_seq_one_letter_code
;MGERESKTIMLRGLPTTITESDIREMMESFEGPQPADVRLMKRKTGVSRGFAFVEFYHLQDATSWMEANQKKLVIQGKHI
AMHYSNPRPKFEDWLCNKCCLNNFRKRLKCFRCGADKFD
;
_entity_poly.pdbx_strand_id   A,B
#
# COMPACT_ATOMS: atom_id res chain seq x y z
N ARG A 4 4.85 -2.71 -8.93
CA ARG A 4 6.07 -3.46 -9.20
C ARG A 4 6.55 -4.22 -7.96
N GLU A 5 7.48 -5.15 -8.18
CA GLU A 5 8.14 -5.88 -7.11
C GLU A 5 9.61 -5.50 -7.06
N SER A 6 10.18 -5.53 -5.86
CA SER A 6 11.55 -5.08 -5.69
C SER A 6 12.17 -5.80 -4.49
N LYS A 7 13.48 -5.63 -4.35
CA LYS A 7 14.22 -6.21 -3.24
C LYS A 7 14.03 -5.42 -1.94
N THR A 8 13.59 -4.17 -2.02
CA THR A 8 13.44 -3.30 -0.87
C THR A 8 11.98 -3.25 -0.43
N ILE A 9 11.76 -3.19 0.88
CA ILE A 9 10.43 -3.28 1.46
C ILE A 9 10.24 -2.10 2.39
N MET A 10 9.13 -1.38 2.22
CA MET A 10 8.83 -0.21 3.03
C MET A 10 7.77 -0.56 4.07
N LEU A 11 8.13 -0.43 5.34
CA LEU A 11 7.20 -0.57 6.45
C LEU A 11 6.72 0.82 6.84
N ARG A 12 5.42 1.07 6.72
CA ARG A 12 4.84 2.36 7.04
C ARG A 12 3.97 2.27 8.29
N GLY A 13 3.84 3.41 8.97
CA GLY A 13 2.97 3.48 10.13
C GLY A 13 3.53 2.85 11.39
N LEU A 14 4.84 2.87 11.56
CA LEU A 14 5.46 2.28 12.74
C LEU A 14 5.35 3.25 13.92
N PRO A 15 5.13 2.73 15.13
CA PRO A 15 5.06 3.62 16.31
C PRO A 15 6.38 4.34 16.51
N THR A 16 6.29 5.65 16.80
CA THR A 16 7.49 6.47 16.91
C THR A 16 8.35 6.07 18.10
N THR A 17 7.74 5.47 19.13
CA THR A 17 8.48 5.02 20.29
C THR A 17 9.39 3.84 19.99
N ILE A 18 9.26 3.23 18.82
CA ILE A 18 10.01 2.02 18.48
C ILE A 18 11.39 2.43 17.99
N THR A 19 12.42 1.83 18.55
CA THR A 19 13.80 2.13 18.16
C THR A 19 14.24 1.20 17.04
N GLU A 20 15.38 1.54 16.43
CA GLU A 20 15.93 0.72 15.36
C GLU A 20 16.37 -0.65 15.87
N SER A 21 16.78 -0.73 17.14
CA SER A 21 17.18 -2.02 17.70
C SER A 21 15.97 -2.91 17.96
N ASP A 22 14.83 -2.33 18.34
CA ASP A 22 13.62 -3.11 18.55
C ASP A 22 13.17 -3.78 17.26
N ILE A 23 13.33 -3.08 16.14
CA ILE A 23 12.92 -3.65 14.85
C ILE A 23 13.84 -4.80 14.46
N ARG A 24 15.16 -4.55 14.49
CA ARG A 24 16.11 -5.54 14.01
C ARG A 24 16.06 -6.83 14.82
N GLU A 25 15.85 -6.72 16.14
CA GLU A 25 15.69 -7.91 16.96
C GLU A 25 14.41 -8.65 16.59
N MET A 26 13.35 -7.91 16.24
CA MET A 26 12.11 -8.54 15.81
C MET A 26 12.23 -9.11 14.40
N MET A 27 13.09 -8.52 13.57
CA MET A 27 13.32 -9.08 12.24
C MET A 27 13.88 -10.49 12.34
N GLU A 28 14.84 -10.70 13.24
CA GLU A 28 15.26 -12.06 13.57
C GLU A 28 14.11 -12.79 14.25
N SER A 29 14.12 -14.12 14.12
CA SER A 29 13.04 -14.99 14.58
C SER A 29 11.75 -14.76 13.79
N PHE A 30 11.89 -14.36 12.53
CA PHE A 30 10.80 -14.31 11.56
C PHE A 30 11.08 -15.30 10.44
N GLU A 31 10.01 -15.83 9.85
CA GLU A 31 10.16 -16.81 8.78
C GLU A 31 10.61 -16.14 7.49
N GLY A 32 11.37 -16.89 6.69
CA GLY A 32 11.85 -16.41 5.41
C GLY A 32 13.33 -16.15 5.44
N PRO A 33 13.90 -15.80 4.28
CA PRO A 33 15.33 -15.45 4.25
C PRO A 33 15.58 -14.19 5.05
N GLN A 34 16.60 -14.24 5.90
CA GLN A 34 16.95 -13.08 6.70
C GLN A 34 17.40 -11.94 5.78
N PRO A 35 16.95 -10.72 6.01
CA PRO A 35 17.18 -9.65 5.04
C PRO A 35 18.63 -9.21 5.01
N ALA A 36 18.98 -8.52 3.91
CA ALA A 36 20.32 -7.98 3.78
C ALA A 36 20.55 -6.84 4.77
N ASP A 37 19.50 -6.12 5.13
CA ASP A 37 19.63 -4.93 5.95
C ASP A 37 18.25 -4.49 6.43
N VAL A 38 18.23 -3.79 7.56
CA VAL A 38 17.02 -3.19 8.12
C VAL A 38 17.32 -1.73 8.39
N ARG A 39 16.50 -0.84 7.85
CA ARG A 39 16.77 0.59 7.80
C ARG A 39 15.58 1.34 8.40
N LEU A 40 15.76 1.89 9.61
CA LEU A 40 14.76 2.77 10.21
C LEU A 40 15.11 4.22 9.88
N MET A 41 14.17 4.91 9.23
CA MET A 41 14.35 6.30 8.84
C MET A 41 14.02 7.20 10.03
N LYS A 42 14.99 8.00 10.46
CA LYS A 42 14.84 8.86 11.62
C LYS A 42 14.88 10.33 11.21
N ARG A 43 14.52 11.19 12.16
CA ARG A 43 14.49 12.62 11.94
C ARG A 43 15.89 13.21 12.09
N LYS A 44 15.99 14.53 11.89
CA LYS A 44 17.25 15.22 12.18
C LYS A 44 17.58 15.17 13.66
N THR A 45 16.57 15.20 14.52
CA THR A 45 16.78 15.03 15.95
C THR A 45 17.09 13.59 16.32
N GLY A 46 16.80 12.64 15.44
CA GLY A 46 17.03 11.23 15.70
C GLY A 46 15.77 10.44 15.98
N VAL A 47 14.65 11.10 16.26
CA VAL A 47 13.41 10.39 16.53
C VAL A 47 12.91 9.73 15.25
N SER A 48 12.22 8.59 15.41
CA SER A 48 11.76 7.82 14.27
C SER A 48 10.73 8.60 13.46
N ARG A 49 10.86 8.52 12.13
CA ARG A 49 9.90 9.13 11.23
C ARG A 49 8.67 8.26 11.00
N GLY A 50 8.63 7.06 11.60
CA GLY A 50 7.48 6.19 11.48
C GLY A 50 7.52 5.21 10.33
N PHE A 51 8.62 5.13 9.59
CA PHE A 51 8.71 4.19 8.50
C PHE A 51 10.14 3.67 8.38
N ALA A 52 10.26 2.49 7.79
CA ALA A 52 11.54 1.78 7.72
C ALA A 52 11.67 1.08 6.39
N PHE A 53 12.92 0.79 6.03
CA PHE A 53 13.26 0.08 4.79
C PHE A 53 13.90 -1.26 5.13
N VAL A 54 13.34 -2.34 4.59
CA VAL A 54 13.88 -3.68 4.77
C VAL A 54 14.32 -4.18 3.41
N GLU A 55 15.64 -4.27 3.22
CA GLU A 55 16.22 -4.65 1.94
C GLU A 55 16.60 -6.13 1.93
N PHE A 56 16.45 -6.74 0.76
CA PHE A 56 16.76 -8.16 0.57
C PHE A 56 17.75 -8.31 -0.57
N TYR A 57 18.39 -9.49 -0.62
CA TYR A 57 19.43 -9.72 -1.61
C TYR A 57 18.86 -9.99 -3.00
N HIS A 58 17.94 -10.95 -3.10
CA HIS A 58 17.26 -11.23 -4.36
C HIS A 58 15.82 -10.77 -4.28
N LEU A 59 15.11 -10.90 -5.40
CA LEU A 59 13.74 -10.43 -5.48
C LEU A 59 12.81 -11.38 -4.73
N GLN A 60 12.96 -12.69 -4.94
CA GLN A 60 12.06 -13.67 -4.35
C GLN A 60 12.19 -13.73 -2.83
N ASP A 61 13.37 -13.42 -2.30
CA ASP A 61 13.52 -13.35 -0.84
C ASP A 61 12.63 -12.24 -0.26
N ALA A 62 12.37 -11.19 -1.04
CA ALA A 62 11.47 -10.13 -0.58
C ALA A 62 10.01 -10.55 -0.72
N THR A 63 9.66 -11.21 -1.82
CA THR A 63 8.28 -11.64 -2.01
C THR A 63 7.89 -12.73 -1.01
N SER A 64 8.77 -13.70 -0.78
CA SER A 64 8.50 -14.72 0.23
C SER A 64 8.36 -14.09 1.61
N TRP A 65 9.17 -13.07 1.92
CA TRP A 65 9.02 -12.37 3.18
C TRP A 65 7.74 -11.53 3.19
N MET A 66 7.44 -10.84 2.09
CA MET A 66 6.13 -10.20 1.94
C MET A 66 5.00 -11.21 2.07
N GLU A 67 5.15 -12.39 1.46
CA GLU A 67 4.09 -13.39 1.51
C GLU A 67 3.94 -13.97 2.91
N ALA A 68 5.07 -14.19 3.61
CA ALA A 68 5.03 -14.83 4.91
C ALA A 68 4.66 -13.89 6.04
N ASN A 69 4.59 -12.58 5.80
CA ASN A 69 4.36 -11.65 6.89
C ASN A 69 3.36 -10.55 6.58
N GLN A 70 2.57 -10.67 5.50
CA GLN A 70 1.56 -9.65 5.20
C GLN A 70 0.23 -10.00 5.84
N LYS A 71 0.29 -10.15 7.16
CA LYS A 71 -0.86 -10.42 8.03
C LYS A 71 -0.38 -10.56 9.46
N LYS A 72 0.90 -10.93 9.62
CA LYS A 72 1.49 -11.23 10.90
C LYS A 72 2.43 -10.14 11.39
N LEU A 73 2.44 -8.97 10.76
CA LEU A 73 3.28 -7.86 11.21
C LEU A 73 2.41 -6.86 11.97
N VAL A 74 2.18 -7.19 13.24
CA VAL A 74 1.46 -6.34 14.18
C VAL A 74 2.42 -5.97 15.30
N ILE A 75 2.48 -4.68 15.62
CA ILE A 75 3.35 -4.18 16.68
C ILE A 75 2.55 -3.24 17.57
N GLN A 76 2.60 -3.45 18.88
CA GLN A 76 1.83 -2.67 19.84
C GLN A 76 0.33 -2.69 19.53
N GLY A 77 -0.13 -3.79 18.91
CA GLY A 77 -1.51 -3.95 18.56
C GLY A 77 -1.93 -3.34 17.25
N LYS A 78 -1.09 -2.51 16.64
CA LYS A 78 -1.42 -1.83 15.40
C LYS A 78 -0.78 -2.54 14.21
N HIS A 79 -1.58 -2.84 13.19
CA HIS A 79 -1.05 -3.45 11.98
C HIS A 79 -0.13 -2.47 11.26
N ILE A 80 0.84 -3.02 10.53
CA ILE A 80 1.86 -2.22 9.85
C ILE A 80 1.72 -2.45 8.35
N ALA A 81 1.65 -1.35 7.60
CA ALA A 81 1.51 -1.44 6.15
C ALA A 81 2.82 -1.86 5.51
N MET A 82 2.72 -2.66 4.45
CA MET A 82 3.88 -3.26 3.81
C MET A 82 3.77 -3.01 2.31
N HIS A 83 4.73 -2.27 1.75
CA HIS A 83 4.74 -1.94 0.34
C HIS A 83 6.11 -2.20 -0.26
N TYR A 84 6.12 -2.60 -1.52
CA TYR A 84 7.37 -2.67 -2.27
C TYR A 84 7.86 -1.25 -2.56
N SER A 85 9.18 -1.11 -2.67
CA SER A 85 9.77 0.18 -2.96
C SER A 85 11.04 -0.03 -3.76
N ASN A 86 11.31 0.92 -4.67
CA ASN A 86 12.58 0.93 -5.37
C ASN A 86 13.72 1.05 -4.35
N PRO A 87 14.92 0.56 -4.69
CA PRO A 87 16.03 0.62 -3.74
C PRO A 87 16.28 2.03 -3.23
N ARG A 88 16.41 2.15 -1.91
CA ARG A 88 16.69 3.43 -1.25
C ARG A 88 17.99 3.32 -0.45
N PRO A 89 19.11 3.05 -1.09
CA PRO A 89 20.37 2.94 -0.35
C PRO A 89 20.91 4.31 0.00
N LYS A 90 21.72 4.34 1.05
CA LYS A 90 22.37 5.57 1.44
C LYS A 90 23.31 6.02 0.32
N PHE A 91 23.37 7.34 0.11
CA PHE A 91 24.36 7.99 -0.75
C PHE A 91 24.10 7.82 -2.24
N GLU A 92 23.40 6.77 -2.66
CA GLU A 92 23.27 6.45 -4.07
C GLU A 92 21.98 6.99 -4.67
N ASP A 93 21.89 6.93 -5.99
CA ASP A 93 20.73 7.39 -6.72
C ASP A 93 19.49 6.58 -6.34
N TRP A 94 18.33 7.09 -6.73
CA TRP A 94 17.07 6.43 -6.40
C TRP A 94 16.07 6.65 -7.52
N LEU A 95 15.32 5.60 -7.85
CA LEU A 95 14.25 5.66 -8.82
C LEU A 95 12.96 6.04 -8.12
N CYS A 96 12.22 6.99 -8.69
CA CYS A 96 10.96 7.42 -8.11
C CYS A 96 9.97 6.26 -8.05
N ASN A 97 9.23 6.19 -6.95
CA ASN A 97 8.22 5.15 -6.81
C ASN A 97 6.91 5.50 -7.49
N LYS A 98 6.69 6.77 -7.82
CA LYS A 98 5.45 7.23 -8.42
C LYS A 98 5.52 7.36 -9.93
N CYS A 99 6.67 7.73 -10.49
CA CYS A 99 6.82 7.90 -11.92
C CYS A 99 8.00 7.12 -12.50
N CYS A 100 8.73 6.36 -11.67
CA CYS A 100 9.79 5.45 -12.08
C CYS A 100 11.01 6.16 -12.67
N LEU A 101 11.12 7.47 -12.51
CA LEU A 101 12.28 8.19 -13.03
C LEU A 101 13.46 8.08 -12.07
N ASN A 102 14.64 7.87 -12.63
CA ASN A 102 15.87 7.86 -11.83
C ASN A 102 16.26 9.29 -11.49
N ASN A 103 16.45 9.56 -10.20
CA ASN A 103 16.80 10.88 -9.71
C ASN A 103 18.23 10.89 -9.16
N PHE A 104 18.81 12.08 -9.12
CA PHE A 104 20.09 12.26 -8.47
C PHE A 104 19.96 11.97 -6.97
N ARG A 105 21.03 11.46 -6.38
CA ARG A 105 20.98 10.99 -5.00
C ARG A 105 20.66 12.13 -4.03
N LYS A 106 21.20 13.32 -4.27
CA LYS A 106 21.02 14.46 -3.38
C LYS A 106 19.66 15.12 -3.57
N ARG A 107 18.87 14.65 -4.53
CA ARG A 107 17.56 15.20 -4.77
C ARG A 107 16.59 14.72 -3.71
N LEU A 108 15.92 15.66 -3.05
CA LEU A 108 14.91 15.31 -2.06
C LEU A 108 13.54 15.08 -2.68
N LYS A 109 13.23 15.80 -3.75
CA LYS A 109 11.97 15.64 -4.47
C LYS A 109 12.27 15.17 -5.89
N CYS A 110 11.27 14.51 -6.49
CA CYS A 110 11.46 13.93 -7.81
C CYS A 110 11.61 15.01 -8.87
N PHE A 111 12.39 14.70 -9.90
CA PHE A 111 12.61 15.63 -11.00
C PHE A 111 11.37 15.74 -11.88
N ARG A 112 10.72 14.61 -12.18
CA ARG A 112 9.58 14.60 -13.08
C ARG A 112 8.31 15.07 -12.39
N CYS A 113 7.80 14.27 -11.46
CA CYS A 113 6.50 14.50 -10.83
C CYS A 113 6.60 15.20 -9.49
N GLY A 114 7.81 15.45 -8.99
CA GLY A 114 7.97 16.14 -7.72
C GLY A 114 7.59 15.34 -6.49
N ALA A 115 7.34 14.04 -6.63
CA ALA A 115 7.04 13.21 -5.48
C ALA A 115 8.24 13.13 -4.54
N ASP A 116 7.95 13.02 -3.25
CA ASP A 116 9.01 12.94 -2.26
C ASP A 116 9.84 11.68 -2.47
N LYS A 117 11.11 11.75 -2.04
CA LYS A 117 12.01 10.61 -2.19
C LYS A 117 11.47 9.36 -1.50
N PHE A 118 10.74 9.54 -0.39
CA PHE A 118 10.18 8.43 0.37
C PHE A 118 8.67 8.34 0.24
N ASP A 119 8.10 8.92 -0.81
CA ASP A 119 6.67 8.84 -1.03
C ASP A 119 6.31 7.71 -1.99
N ARG B 4 -4.94 -13.14 -2.43
CA ARG B 4 -6.22 -13.60 -2.98
C ARG B 4 -6.70 -12.68 -4.10
N GLU B 5 -7.67 -13.16 -4.86
CA GLU B 5 -8.35 -12.37 -5.88
C GLU B 5 -9.81 -12.17 -5.46
N SER B 6 -10.36 -11.01 -5.81
CA SER B 6 -11.70 -10.65 -5.38
C SER B 6 -12.39 -9.83 -6.46
N LYS B 7 -13.71 -9.71 -6.32
CA LYS B 7 -14.49 -8.87 -7.21
C LYS B 7 -14.30 -7.38 -6.93
N THR B 8 -13.68 -7.03 -5.81
CA THR B 8 -13.48 -5.63 -5.42
C THR B 8 -12.00 -5.29 -5.56
N ILE B 9 -11.70 -4.26 -6.37
CA ILE B 9 -10.36 -3.69 -6.48
C ILE B 9 -10.35 -2.37 -5.75
N MET B 10 -9.28 -2.09 -5.02
CA MET B 10 -9.19 -0.90 -4.18
C MET B 10 -7.94 -0.12 -4.57
N LEU B 11 -8.13 1.14 -4.94
CA LEU B 11 -7.04 2.00 -5.40
C LEU B 11 -6.64 2.93 -4.25
N ARG B 12 -5.50 2.65 -3.62
CA ARG B 12 -4.95 3.53 -2.61
C ARG B 12 -3.86 4.42 -3.22
N GLY B 13 -3.70 5.61 -2.65
CA GLY B 13 -2.70 6.55 -3.09
C GLY B 13 -3.18 7.59 -4.07
N LEU B 14 -4.45 7.99 -4.01
CA LEU B 14 -5.07 8.93 -4.93
C LEU B 14 -4.87 10.37 -4.43
N PRO B 15 -4.65 11.31 -5.35
CA PRO B 15 -4.50 12.71 -4.94
C PRO B 15 -5.79 13.23 -4.31
N THR B 16 -5.64 13.96 -3.20
CA THR B 16 -6.79 14.37 -2.41
C THR B 16 -7.67 15.37 -3.14
N THR B 17 -7.09 16.17 -4.06
CA THR B 17 -7.87 17.16 -4.78
C THR B 17 -8.84 16.54 -5.78
N ILE B 18 -8.73 15.24 -6.05
CA ILE B 18 -9.56 14.60 -7.06
C ILE B 18 -10.89 14.20 -6.42
N THR B 19 -11.98 14.55 -7.09
CA THR B 19 -13.32 14.23 -6.61
C THR B 19 -13.75 12.85 -7.11
N GLU B 20 -14.87 12.38 -6.56
CA GLU B 20 -15.38 11.06 -6.93
C GLU B 20 -15.85 11.02 -8.38
N SER B 21 -16.26 12.16 -8.93
CA SER B 21 -16.81 12.17 -10.29
C SER B 21 -15.72 12.02 -11.34
N ASP B 22 -14.54 12.61 -11.10
CA ASP B 22 -13.45 12.48 -12.07
C ASP B 22 -13.00 11.04 -12.21
N ILE B 23 -13.03 10.29 -11.10
CA ILE B 23 -12.64 8.88 -11.13
C ILE B 23 -13.62 8.08 -11.97
N ARG B 24 -14.91 8.35 -11.82
CA ARG B 24 -15.93 7.55 -12.48
C ARG B 24 -15.96 7.81 -13.98
N GLU B 25 -15.65 9.03 -14.42
CA GLU B 25 -15.52 9.28 -15.85
C GLU B 25 -14.27 8.63 -16.41
N MET B 26 -13.18 8.64 -15.64
CA MET B 26 -11.96 7.96 -16.08
C MET B 26 -12.14 6.45 -16.06
N MET B 27 -13.05 5.93 -15.23
CA MET B 27 -13.47 4.54 -15.35
C MET B 27 -13.99 4.25 -16.75
N GLU B 28 -14.83 5.14 -17.27
CA GLU B 28 -15.23 5.07 -18.66
C GLU B 28 -14.03 5.40 -19.55
N SER B 29 -14.07 4.89 -20.78
CA SER B 29 -12.96 4.96 -21.72
C SER B 29 -11.71 4.26 -21.19
N PHE B 30 -11.87 3.41 -20.18
CA PHE B 30 -10.83 2.50 -19.72
C PHE B 30 -11.18 1.11 -20.22
N GLU B 31 -10.29 0.50 -20.98
CA GLU B 31 -10.60 -0.78 -21.59
C GLU B 31 -10.73 -1.87 -20.52
N GLY B 32 -11.23 -3.02 -20.97
CA GLY B 32 -11.58 -4.09 -20.06
C GLY B 32 -13.03 -3.97 -19.65
N PRO B 33 -13.45 -4.85 -18.74
CA PRO B 33 -14.83 -4.82 -18.25
C PRO B 33 -15.17 -3.49 -17.58
N GLN B 34 -16.46 -3.18 -17.59
CA GLN B 34 -16.91 -1.98 -16.90
C GLN B 34 -17.39 -2.34 -15.49
N PRO B 35 -16.97 -1.56 -14.49
CA PRO B 35 -17.25 -1.92 -13.10
C PRO B 35 -18.74 -1.82 -12.76
N ALA B 36 -19.08 -2.42 -11.62
CA ALA B 36 -20.44 -2.31 -11.10
C ALA B 36 -20.67 -0.96 -10.44
N ASP B 37 -19.71 -0.52 -9.61
CA ASP B 37 -19.82 0.75 -8.90
C ASP B 37 -18.42 1.18 -8.48
N VAL B 38 -18.25 2.50 -8.35
CA VAL B 38 -17.00 3.09 -7.91
C VAL B 38 -17.31 4.13 -6.85
N ARG B 39 -16.86 3.89 -5.63
CA ARG B 39 -17.03 4.83 -4.53
C ARG B 39 -15.68 5.31 -4.04
N LEU B 40 -15.53 6.63 -3.94
CA LEU B 40 -14.37 7.24 -3.31
C LEU B 40 -14.68 7.45 -1.83
N MET B 41 -13.85 6.87 -0.97
CA MET B 41 -14.04 7.02 0.47
C MET B 41 -13.68 8.45 0.86
N LYS B 42 -14.57 9.10 1.60
CA LYS B 42 -14.44 10.51 1.93
C LYS B 42 -14.53 10.72 3.43
N ARG B 43 -14.23 11.94 3.85
CA ARG B 43 -14.28 12.33 5.25
C ARG B 43 -15.71 12.69 5.62
N LYS B 44 -15.92 13.21 6.83
CA LYS B 44 -17.24 13.70 7.21
C LYS B 44 -17.59 14.98 6.43
N THR B 45 -16.58 15.80 6.13
CA THR B 45 -16.80 16.99 5.32
C THR B 45 -16.92 16.67 3.84
N GLY B 46 -16.54 15.46 3.42
CA GLY B 46 -16.54 15.10 2.02
C GLY B 46 -15.18 15.10 1.37
N VAL B 47 -14.13 15.47 2.11
CA VAL B 47 -12.78 15.47 1.55
C VAL B 47 -12.30 14.04 1.36
N SER B 48 -11.66 13.77 0.23
CA SER B 48 -11.20 12.44 -0.10
C SER B 48 -10.18 11.94 0.92
N ARG B 49 -10.33 10.67 1.31
CA ARG B 49 -9.38 10.00 2.19
C ARG B 49 -8.19 9.41 1.45
N GLY B 50 -8.16 9.51 0.12
CA GLY B 50 -7.03 9.04 -0.65
C GLY B 50 -7.13 7.64 -1.18
N PHE B 51 -8.29 6.99 -1.08
CA PHE B 51 -8.47 5.65 -1.61
C PHE B 51 -9.92 5.45 -2.02
N ALA B 52 -10.12 4.50 -2.93
CA ALA B 52 -11.45 4.21 -3.47
C ALA B 52 -11.59 2.72 -3.71
N PHE B 53 -12.84 2.25 -3.74
CA PHE B 53 -13.16 0.85 -3.97
C PHE B 53 -13.88 0.71 -5.31
N VAL B 54 -13.53 -0.34 -6.05
CA VAL B 54 -14.11 -0.62 -7.36
C VAL B 54 -14.56 -2.07 -7.35
N GLU B 55 -15.87 -2.31 -7.22
CA GLU B 55 -16.39 -3.66 -7.33
C GLU B 55 -16.63 -4.02 -8.79
N PHE B 56 -16.65 -5.32 -9.06
CA PHE B 56 -17.05 -5.87 -10.34
C PHE B 56 -18.06 -6.98 -10.08
N TYR B 57 -18.92 -7.22 -11.08
CA TYR B 57 -19.94 -8.25 -10.94
C TYR B 57 -19.31 -9.63 -10.84
N HIS B 58 -18.38 -9.94 -11.73
CA HIS B 58 -17.73 -11.23 -11.78
C HIS B 58 -16.30 -11.14 -11.29
N LEU B 59 -15.74 -12.29 -10.92
CA LEU B 59 -14.35 -12.33 -10.48
C LEU B 59 -13.40 -12.05 -11.64
N GLN B 60 -13.65 -12.66 -12.80
CA GLN B 60 -12.80 -12.43 -13.95
C GLN B 60 -12.98 -11.03 -14.53
N ASP B 61 -14.19 -10.47 -14.41
CA ASP B 61 -14.40 -9.07 -14.71
C ASP B 61 -13.45 -8.20 -13.89
N ALA B 62 -13.11 -8.65 -12.67
CA ALA B 62 -12.23 -7.91 -11.78
C ALA B 62 -10.76 -8.17 -12.10
N THR B 63 -10.40 -9.43 -12.38
CA THR B 63 -9.01 -9.76 -12.63
C THR B 63 -8.52 -9.24 -13.97
N SER B 64 -9.38 -9.22 -14.98
CA SER B 64 -8.98 -8.69 -16.29
C SER B 64 -8.76 -7.19 -16.23
N TRP B 65 -9.60 -6.47 -15.47
CA TRP B 65 -9.40 -5.05 -15.31
C TRP B 65 -8.11 -4.76 -14.55
N MET B 66 -7.76 -5.63 -13.61
CA MET B 66 -6.47 -5.52 -12.94
C MET B 66 -5.32 -5.80 -13.91
N GLU B 67 -5.49 -6.81 -14.78
CA GLU B 67 -4.45 -7.15 -15.73
C GLU B 67 -4.22 -6.03 -16.75
N ALA B 68 -5.29 -5.35 -17.16
CA ALA B 68 -5.16 -4.32 -18.19
C ALA B 68 -4.61 -3.02 -17.63
N ASN B 69 -4.83 -2.74 -16.35
CA ASN B 69 -4.47 -1.45 -15.76
C ASN B 69 -3.52 -1.60 -14.57
N GLN B 70 -2.74 -2.69 -14.52
CA GLN B 70 -1.80 -2.88 -13.42
C GLN B 70 -0.77 -1.75 -13.37
N LYS B 71 -0.03 -1.58 -14.45
CA LYS B 71 0.97 -0.51 -14.55
C LYS B 71 0.54 0.59 -15.50
N LYS B 72 -0.74 0.64 -15.89
CA LYS B 72 -1.23 1.63 -16.82
C LYS B 72 -2.15 2.66 -16.17
N LEU B 73 -2.38 2.56 -14.85
CA LEU B 73 -3.22 3.51 -14.14
C LEU B 73 -2.33 4.61 -13.58
N VAL B 74 -2.26 5.74 -14.28
CA VAL B 74 -1.48 6.90 -13.87
C VAL B 74 -2.42 8.09 -13.81
N ILE B 75 -2.36 8.83 -12.70
CA ILE B 75 -3.18 10.02 -12.49
C ILE B 75 -2.28 11.13 -11.98
N GLN B 76 -2.35 12.30 -12.60
CA GLN B 76 -1.48 13.44 -12.30
C GLN B 76 -0.01 13.08 -12.41
N GLY B 77 0.32 12.17 -13.34
CA GLY B 77 1.69 11.76 -13.57
C GLY B 77 2.23 10.74 -12.60
N LYS B 78 1.52 10.46 -11.51
CA LYS B 78 1.98 9.51 -10.50
C LYS B 78 1.21 8.20 -10.63
N HIS B 79 1.92 7.08 -10.52
CA HIS B 79 1.29 5.78 -10.59
C HIS B 79 0.35 5.56 -9.42
N ILE B 80 -0.69 4.76 -9.65
CA ILE B 80 -1.72 4.49 -8.66
C ILE B 80 -1.65 3.02 -8.30
N ALA B 81 -1.46 2.74 -7.00
CA ALA B 81 -1.41 1.36 -6.53
C ALA B 81 -2.81 0.78 -6.47
N MET B 82 -2.94 -0.47 -6.94
CA MET B 82 -4.20 -1.19 -6.91
C MET B 82 -3.99 -2.53 -6.21
N HIS B 83 -4.93 -2.88 -5.33
CA HIS B 83 -4.85 -4.12 -4.58
C HIS B 83 -6.23 -4.76 -4.50
N TYR B 84 -6.26 -6.09 -4.48
CA TYR B 84 -7.50 -6.79 -4.24
C TYR B 84 -7.96 -6.58 -2.79
N SER B 85 -9.27 -6.58 -2.60
CA SER B 85 -9.83 -6.43 -1.27
C SER B 85 -11.16 -7.15 -1.21
N ASN B 86 -11.48 -7.68 -0.02
CA ASN B 86 -12.79 -8.24 0.20
C ASN B 86 -13.85 -7.15 -0.02
N PRO B 87 -15.07 -7.53 -0.38
CA PRO B 87 -16.11 -6.51 -0.61
C PRO B 87 -16.26 -5.57 0.58
N ARG B 88 -16.36 -4.28 0.27
CA ARG B 88 -16.64 -3.24 1.26
C ARG B 88 -17.98 -2.59 0.95
N PRO B 89 -19.07 -3.34 1.08
CA PRO B 89 -20.39 -2.77 0.76
C PRO B 89 -20.81 -1.79 1.83
N LYS B 90 -21.82 -0.99 1.49
CA LYS B 90 -22.34 0.00 2.41
C LYS B 90 -23.49 -0.62 3.22
N PHE B 91 -23.49 -0.36 4.52
CA PHE B 91 -24.43 -0.92 5.50
C PHE B 91 -24.19 -2.37 5.87
N GLU B 92 -23.35 -3.09 5.13
CA GLU B 92 -23.28 -4.53 5.26
C GLU B 92 -22.01 -4.99 5.96
N ASP B 93 -22.00 -6.28 6.30
CA ASP B 93 -20.85 -6.90 6.94
C ASP B 93 -19.64 -6.88 6.02
N TRP B 94 -18.46 -7.12 6.59
CA TRP B 94 -17.22 -7.07 5.84
C TRP B 94 -16.27 -8.15 6.34
N LEU B 95 -15.66 -8.85 5.39
CA LEU B 95 -14.63 -9.84 5.70
C LEU B 95 -13.28 -9.13 5.83
N CYS B 96 -12.57 -9.41 6.92
CA CYS B 96 -11.26 -8.81 7.13
C CYS B 96 -10.31 -9.17 6.00
N ASN B 97 -9.45 -8.22 5.63
CA ASN B 97 -8.48 -8.45 4.57
C ASN B 97 -7.19 -9.08 5.07
N LYS B 98 -6.93 -9.05 6.38
CA LYS B 98 -5.70 -9.61 6.93
C LYS B 98 -5.88 -11.04 7.42
N CYS B 99 -7.05 -11.36 7.99
CA CYS B 99 -7.31 -12.69 8.53
C CYS B 99 -8.59 -13.33 8.01
N CYS B 100 -9.32 -12.65 7.12
CA CYS B 100 -10.48 -13.20 6.42
C CYS B 100 -11.68 -13.46 7.34
N LEU B 101 -11.70 -12.86 8.53
CA LEU B 101 -12.83 -13.05 9.44
C LEU B 101 -13.99 -12.14 9.06
N ASN B 102 -15.20 -12.69 9.12
CA ASN B 102 -16.40 -11.90 8.90
C ASN B 102 -16.70 -11.06 10.14
N ASN B 103 -16.84 -9.75 9.95
CA ASN B 103 -17.12 -8.83 11.03
C ASN B 103 -18.48 -8.18 10.83
N PHE B 104 -19.14 -7.89 11.94
CA PHE B 104 -20.42 -7.20 11.89
C PHE B 104 -20.25 -5.78 11.37
N ARG B 105 -21.22 -5.32 10.58
CA ARG B 105 -21.23 -3.92 10.17
C ARG B 105 -21.31 -3.03 11.42
N LYS B 106 -20.59 -1.90 11.35
CA LYS B 106 -20.36 -0.92 12.42
C LYS B 106 -19.04 -1.19 13.13
N ARG B 107 -18.48 -2.40 12.96
CA ARG B 107 -17.17 -2.69 13.54
C ARG B 107 -16.09 -2.08 12.65
N LEU B 108 -15.35 -1.12 13.19
CA LEU B 108 -14.31 -0.43 12.43
C LEU B 108 -12.98 -1.17 12.46
N LYS B 109 -12.77 -2.05 13.44
CA LYS B 109 -11.57 -2.88 13.51
C LYS B 109 -11.99 -4.34 13.62
N CYS B 110 -11.13 -5.22 13.11
CA CYS B 110 -11.47 -6.64 13.05
C CYS B 110 -11.57 -7.25 14.44
N PHE B 111 -12.46 -8.23 14.56
CA PHE B 111 -12.65 -8.91 15.85
C PHE B 111 -11.45 -9.78 16.20
N ARG B 112 -10.92 -10.52 15.23
CA ARG B 112 -9.84 -11.47 15.50
C ARG B 112 -8.49 -10.75 15.61
N CYS B 113 -8.03 -10.17 14.50
CA CYS B 113 -6.69 -9.59 14.43
C CYS B 113 -6.65 -8.09 14.69
N GLY B 114 -7.81 -7.44 14.79
CA GLY B 114 -7.81 -6.01 15.07
C GLY B 114 -7.40 -5.12 13.92
N ALA B 115 -7.38 -5.65 12.70
CA ALA B 115 -7.03 -4.83 11.55
C ALA B 115 -8.16 -3.86 11.21
N ASP B 116 -7.79 -2.68 10.73
CA ASP B 116 -8.78 -1.67 10.38
C ASP B 116 -9.68 -2.18 9.26
N LYS B 117 -10.91 -1.67 9.23
CA LYS B 117 -11.88 -2.07 8.23
C LYS B 117 -11.37 -1.84 6.80
N PHE B 118 -10.48 -0.86 6.63
CA PHE B 118 -9.90 -0.54 5.33
C PHE B 118 -8.39 -0.79 5.30
N ASP B 119 -7.92 -1.71 6.14
CA ASP B 119 -6.50 -2.06 6.17
C ASP B 119 -6.25 -3.36 5.42
#